data_7U9J
#
_entry.id   7U9J
#
_cell.length_a   96.762
_cell.length_b   78.611
_cell.length_c   74.332
_cell.angle_alpha   90.000
_cell.angle_beta   108.150
_cell.angle_gamma   90.000
#
_symmetry.space_group_name_H-M   'C 1 2 1'
#
loop_
_entity.id
_entity.type
_entity.pdbx_description
1 polymer 'Isoform 3 of Mesothelin'
2 non-polymer 'SULFATE ION'
3 non-polymer GLYCEROL
4 water water
#
_entity_poly.entity_id   1
_entity_poly.type   'polypeptide(L)'
_entity_poly.pdbx_seq_one_letter_code
;MEVEKTACPSGKKAREIDESLIFYKKWELEACVDAALLATQMDRVNAIPFTYEQLDVLKHKLDELYPQGYPESVIQHLGY
LFLKMSPEDIRKWNVTSLETLKALLEVNKGHEMSPQVATLIDRFVKGRGQLDKDTLDTLTAFYPGYLCSLSPEELSSVPP
SSIWAVRPQDLDTCDPRQLDVLYPKARLAFQNMNGSEYFVKIQSFLGHHHHHH
;
_entity_poly.pdbx_strand_id   A,B
#
# COMPACT_ATOMS: atom_id res chain seq x y z
N LYS A 5 -10.82 39.26 9.84
CA LYS A 5 -10.52 39.72 11.19
C LYS A 5 -9.10 39.30 11.58
N THR A 6 -8.36 40.22 12.21
CA THR A 6 -6.95 40.01 12.52
C THR A 6 -6.62 40.39 13.97
N ALA A 7 -7.62 40.52 14.84
CA ALA A 7 -7.40 40.94 16.21
C ALA A 7 -8.12 39.99 17.16
N CYS A 8 -7.38 39.49 18.15
CA CYS A 8 -7.97 38.59 19.13
C CYS A 8 -8.90 39.36 20.06
N PRO A 9 -10.12 38.87 20.30
CA PRO A 9 -10.98 39.55 21.27
C PRO A 9 -10.30 39.66 22.63
N SER A 10 -10.65 40.71 23.36
CA SER A 10 -10.05 40.95 24.66
C SER A 10 -10.34 39.80 25.61
N GLY A 11 -9.31 39.32 26.30
CA GLY A 11 -9.45 38.22 27.21
C GLY A 11 -9.45 36.84 26.60
N LYS A 12 -9.37 36.74 25.27
CA LYS A 12 -9.39 35.44 24.60
C LYS A 12 -8.01 34.97 24.16
N LYS A 13 -6.98 35.77 24.37
CA LYS A 13 -5.62 35.35 24.00
C LYS A 13 -5.26 34.06 24.73
N ALA A 14 -4.86 33.06 23.95
CA ALA A 14 -4.50 31.76 24.50
C ALA A 14 -3.12 31.81 25.12
N ARG A 15 -3.01 31.37 26.38
CA ARG A 15 -1.73 31.13 27.02
C ARG A 15 -1.47 29.64 27.22
N GLU A 16 -2.42 28.79 26.86
CA GLU A 16 -2.31 27.35 26.98
C GLU A 16 -3.12 26.70 25.87
N ILE A 17 -2.74 25.48 25.50
CA ILE A 17 -3.57 24.65 24.64
C ILE A 17 -4.42 23.80 25.60
N ASP A 18 -5.70 24.15 25.71
CA ASP A 18 -6.59 23.50 26.67
C ASP A 18 -7.98 23.41 26.07
N GLU A 19 -8.90 22.79 26.83
CA GLU A 19 -10.20 22.44 26.27
C GLU A 19 -11.03 23.67 25.90
N SER A 20 -10.83 24.79 26.61
CA SER A 20 -11.64 25.98 26.34
C SER A 20 -11.59 26.37 24.86
N LEU A 21 -10.46 26.12 24.22
CA LEU A 21 -10.28 26.52 22.83
C LEU A 21 -11.26 25.84 21.88
N ILE A 22 -11.91 24.75 22.30
CA ILE A 22 -12.86 24.11 21.38
C ILE A 22 -14.02 25.04 21.08
N PHE A 23 -14.34 25.97 21.99
CA PHE A 23 -15.49 26.82 21.75
C PHE A 23 -15.16 28.00 20.83
N TYR A 24 -13.87 28.25 20.59
CA TYR A 24 -13.46 29.33 19.70
C TYR A 24 -13.93 29.09 18.27
N LYS A 25 -14.38 30.15 17.61
CA LYS A 25 -14.62 30.10 16.18
C LYS A 25 -13.29 30.03 15.44
N LYS A 26 -13.38 29.66 14.15
CA LYS A 26 -12.17 29.47 13.35
C LYS A 26 -11.28 30.71 13.37
N TRP A 27 -11.86 31.88 13.09
CA TRP A 27 -11.05 33.09 13.07
C TRP A 27 -10.51 33.41 14.46
N GLU A 28 -11.21 33.02 15.52
CA GLU A 28 -10.71 33.23 16.87
C GLU A 28 -9.48 32.37 17.14
N LEU A 29 -9.51 31.11 16.70
CA LEU A 29 -8.31 30.29 16.82
C LEU A 29 -7.17 30.90 16.03
N GLU A 30 -7.45 31.41 14.82
CA GLU A 30 -6.40 31.99 14.00
C GLU A 30 -5.78 33.21 14.69
N ALA A 31 -6.61 34.09 15.26
CA ALA A 31 -6.12 35.35 15.79
C ALA A 31 -5.63 35.26 17.23
N CYS A 32 -6.01 34.22 17.97
CA CYS A 32 -5.75 34.15 19.41
C CYS A 32 -4.73 33.08 19.82
N VAL A 33 -4.44 32.12 18.96
CA VAL A 33 -3.54 31.02 19.29
C VAL A 33 -2.23 31.26 18.57
N ASP A 34 -1.18 31.54 19.33
CA ASP A 34 0.13 31.73 18.74
C ASP A 34 0.73 30.40 18.30
N ALA A 35 1.37 30.40 17.14
CA ALA A 35 1.87 29.17 16.54
C ALA A 35 2.98 28.56 17.40
N ALA A 36 3.81 29.40 18.02
CA ALA A 36 4.87 28.87 18.88
C ALA A 36 4.27 28.18 20.10
N LEU A 37 3.22 28.74 20.67
CA LEU A 37 2.54 28.08 21.79
C LEU A 37 1.97 26.74 21.35
N LEU A 38 1.32 26.70 20.18
CA LEU A 38 0.75 25.45 19.68
C LEU A 38 1.83 24.40 19.49
N ALA A 39 2.93 24.77 18.82
CA ALA A 39 4.01 23.83 18.58
C ALA A 39 4.60 23.31 19.88
N THR A 40 4.83 24.21 20.85
CA THR A 40 5.38 23.80 22.13
C THR A 40 4.46 22.84 22.87
N GLN A 41 3.14 22.97 22.68
CA GLN A 41 2.18 22.18 23.44
C GLN A 41 1.40 21.20 22.56
N MET A 42 2.06 20.67 21.53
CA MET A 42 1.41 19.69 20.66
C MET A 42 0.98 18.45 21.45
N ASP A 43 1.65 18.17 22.57
CA ASP A 43 1.30 17.01 23.38
C ASP A 43 -0.08 17.10 24.00
N ARG A 44 -0.72 18.27 23.96
CA ARG A 44 -2.06 18.45 24.50
C ARG A 44 -3.16 18.50 23.45
N VAL A 45 -2.80 18.56 22.17
CA VAL A 45 -3.80 18.81 21.13
C VAL A 45 -4.74 17.62 20.99
N ASN A 46 -4.19 16.41 20.89
CA ASN A 46 -4.99 15.26 20.50
C ASN A 46 -6.07 14.91 21.52
N ALA A 47 -5.92 15.31 22.78
CA ALA A 47 -6.95 15.07 23.77
C ALA A 47 -8.12 16.06 23.68
N ILE A 48 -8.01 17.07 22.84
CA ILE A 48 -9.02 18.13 22.74
C ILE A 48 -9.80 17.89 21.45
N PRO A 49 -11.12 17.66 21.52
CA PRO A 49 -11.88 17.25 20.32
C PRO A 49 -12.22 18.40 19.39
N PHE A 50 -11.18 19.01 18.82
CA PHE A 50 -11.39 20.03 17.79
C PHE A 50 -12.11 19.42 16.58
N THR A 51 -12.87 20.26 15.89
CA THR A 51 -13.46 19.86 14.61
C THR A 51 -12.39 19.83 13.53
N TYR A 52 -12.78 19.40 12.33
CA TYR A 52 -11.85 19.34 11.22
C TYR A 52 -11.31 20.73 10.87
N GLU A 53 -12.18 21.73 10.78
CA GLU A 53 -11.73 23.05 10.37
C GLU A 53 -10.84 23.70 11.43
N GLN A 54 -11.15 23.48 12.71
CA GLN A 54 -10.28 23.98 13.78
C GLN A 54 -8.89 23.37 13.69
N LEU A 55 -8.83 22.03 13.53
CA LEU A 55 -7.53 21.39 13.39
C LEU A 55 -6.82 21.85 12.13
N ASP A 56 -7.57 22.19 11.08
CA ASP A 56 -6.96 22.72 9.87
C ASP A 56 -6.31 24.08 10.14
N VAL A 57 -6.98 24.93 10.93
CA VAL A 57 -6.36 26.18 11.37
C VAL A 57 -5.03 25.90 12.06
N LEU A 58 -5.05 24.96 13.02
CA LEU A 58 -3.82 24.67 13.77
C LEU A 58 -2.71 24.12 12.87
N LYS A 59 -3.08 23.21 11.96
CA LYS A 59 -2.10 22.64 11.05
C LYS A 59 -1.49 23.72 10.17
N HIS A 60 -2.32 24.66 9.69
CA HIS A 60 -1.78 25.75 8.90
C HIS A 60 -0.84 26.62 9.71
N LYS A 61 -1.15 26.82 11.00
CA LYS A 61 -0.22 27.58 11.85
C LYS A 61 1.13 26.89 11.92
N LEU A 62 1.14 25.57 12.10
CA LEU A 62 2.41 24.84 12.14
C LEU A 62 3.14 24.97 10.81
N ASP A 63 2.42 24.82 9.69
CA ASP A 63 3.01 25.00 8.37
C ASP A 63 3.66 26.37 8.23
N GLU A 64 2.96 27.41 8.66
CA GLU A 64 3.49 28.77 8.59
C GLU A 64 4.75 28.89 9.43
N LEU A 65 4.73 28.34 10.64
CA LEU A 65 5.88 28.48 11.53
C LEU A 65 7.07 27.67 11.02
N TYR A 66 6.82 26.57 10.33
CA TYR A 66 7.87 25.63 9.92
C TYR A 66 7.76 25.35 8.43
N PRO A 67 8.05 26.34 7.58
CA PRO A 67 8.06 26.07 6.13
C PRO A 67 9.10 25.04 5.75
N GLN A 68 10.15 24.86 6.55
CA GLN A 68 11.19 23.88 6.27
C GLN A 68 10.86 22.50 6.84
N GLY A 69 9.71 22.33 7.45
CA GLY A 69 9.31 21.02 7.98
C GLY A 69 9.20 21.07 9.49
N TYR A 70 8.22 20.36 10.04
CA TYR A 70 8.08 20.32 11.48
C TYR A 70 9.35 19.73 12.10
N PRO A 71 9.78 20.22 13.25
CA PRO A 71 10.85 19.53 13.99
C PRO A 71 10.29 18.31 14.72
N GLU A 72 11.20 17.37 15.03
CA GLU A 72 10.75 16.14 15.66
C GLU A 72 10.09 16.41 17.01
N SER A 73 10.48 17.50 17.69
CA SER A 73 9.85 17.83 18.96
C SER A 73 8.34 18.03 18.79
N VAL A 74 7.89 18.39 17.59
CA VAL A 74 6.47 18.48 17.29
C VAL A 74 5.95 17.19 16.68
N ILE A 75 6.74 16.57 15.79
CA ILE A 75 6.30 15.36 15.12
C ILE A 75 5.96 14.27 16.13
N GLN A 76 6.78 14.13 17.17
CA GLN A 76 6.57 13.05 18.13
C GLN A 76 5.22 13.14 18.82
N HIS A 77 4.59 14.31 18.80
CA HIS A 77 3.29 14.52 19.46
C HIS A 77 2.14 14.73 18.49
N LEU A 78 2.37 14.67 17.17
CA LEU A 78 1.31 14.96 16.21
C LEU A 78 0.10 14.03 16.39
N GLY A 79 0.34 12.76 16.69
CA GLY A 79 -0.78 11.84 16.83
C GLY A 79 -1.61 11.79 15.57
N TYR A 80 -2.94 11.83 15.74
CA TYR A 80 -3.85 11.70 14.61
C TYR A 80 -3.77 12.86 13.64
N LEU A 81 -3.18 13.99 14.03
CA LEU A 81 -2.92 15.04 13.06
C LEU A 81 -2.00 14.57 11.94
N PHE A 82 -1.26 13.48 12.15
CA PHE A 82 -0.48 12.91 11.06
C PHE A 82 -1.36 12.64 9.85
N LEU A 83 -2.61 12.26 10.10
CA LEU A 83 -3.53 11.94 9.00
C LEU A 83 -3.90 13.18 8.18
N LYS A 84 -3.59 14.37 8.67
CA LYS A 84 -3.81 15.60 7.91
C LYS A 84 -2.58 16.03 7.13
N MET A 85 -1.46 15.32 7.25
CA MET A 85 -0.25 15.67 6.52
C MET A 85 -0.34 15.21 5.08
N SER A 86 0.29 15.98 4.20
CA SER A 86 0.51 15.56 2.82
C SER A 86 1.86 14.85 2.72
N PRO A 87 2.07 14.09 1.63
CA PRO A 87 3.41 13.52 1.43
C PRO A 87 4.50 14.59 1.37
N GLU A 88 4.19 15.75 0.79
CA GLU A 88 5.17 16.82 0.75
C GLU A 88 5.52 17.30 2.15
N ASP A 89 4.53 17.41 3.03
CA ASP A 89 4.81 17.82 4.40
C ASP A 89 5.80 16.87 5.05
N ILE A 90 5.66 15.57 4.77
CA ILE A 90 6.48 14.56 5.44
C ILE A 90 7.86 14.47 4.80
N ARG A 91 7.99 14.76 3.51
CA ARG A 91 9.29 14.72 2.86
C ARG A 91 10.29 15.68 3.52
N LYS A 92 9.80 16.73 4.17
CA LYS A 92 10.68 17.68 4.83
C LYS A 92 11.16 17.19 6.20
N TRP A 93 10.50 16.18 6.76
CA TRP A 93 10.80 15.77 8.12
C TRP A 93 12.16 15.09 8.23
N ASN A 94 12.85 15.34 9.33
CA ASN A 94 14.03 14.56 9.72
C ASN A 94 13.67 13.87 11.03
N VAL A 95 13.33 12.58 10.93
CA VAL A 95 12.83 11.81 12.06
C VAL A 95 13.88 10.76 12.42
N THR A 96 14.44 10.87 13.63
CA THR A 96 15.54 10.03 14.07
C THR A 96 15.16 9.03 15.15
N SER A 97 14.13 9.31 15.93
CA SER A 97 13.74 8.45 17.04
C SER A 97 12.73 7.41 16.59
N LEU A 98 12.93 6.19 17.08
CA LEU A 98 11.99 5.11 16.79
C LEU A 98 10.70 5.23 17.59
N GLU A 99 10.74 5.92 18.74
CA GLU A 99 9.51 6.17 19.49
C GLU A 99 8.56 7.04 18.67
N THR A 100 9.11 8.01 17.95
CA THR A 100 8.31 8.83 17.04
C THR A 100 7.71 7.97 15.92
N LEU A 101 8.52 7.10 15.32
CA LEU A 101 8.01 6.25 14.25
C LEU A 101 6.87 5.37 14.76
N LYS A 102 7.05 4.78 15.94
CA LYS A 102 6.01 3.92 16.50
C LYS A 102 4.74 4.72 16.81
N ALA A 103 4.89 5.93 17.36
CA ALA A 103 3.72 6.75 17.63
C ALA A 103 2.96 7.06 16.35
N LEU A 104 3.68 7.44 15.29
CA LEU A 104 3.01 7.78 14.04
C LEU A 104 2.36 6.55 13.39
N LEU A 105 3.07 5.41 13.39
CA LEU A 105 2.48 4.21 12.79
C LEU A 105 1.27 3.72 13.55
N GLU A 106 1.22 3.98 14.87
CA GLU A 106 0.08 3.52 15.65
C GLU A 106 -1.23 4.13 15.18
N VAL A 107 -1.21 5.41 14.78
CA VAL A 107 -2.45 6.06 14.34
C VAL A 107 -2.89 5.64 12.95
N ASN A 108 -2.02 4.99 12.17
CA ASN A 108 -2.41 4.44 10.88
C ASN A 108 -2.80 2.97 10.98
N LYS A 109 -2.82 2.40 12.18
CA LYS A 109 -3.09 0.98 12.35
C LYS A 109 -4.49 0.65 11.83
N GLY A 110 -4.63 -0.56 11.28
CA GLY A 110 -5.88 -1.01 10.72
C GLY A 110 -6.15 -0.55 9.30
N HIS A 111 -5.22 0.17 8.68
CA HIS A 111 -5.39 0.68 7.32
C HIS A 111 -4.21 0.27 6.46
N GLU A 112 -4.45 0.24 5.14
CA GLU A 112 -3.38 0.03 4.19
C GLU A 112 -2.38 1.20 4.25
N MET A 113 -1.16 0.95 3.81
CA MET A 113 -0.13 1.98 3.83
C MET A 113 -0.47 3.07 2.81
N SER A 114 -0.52 4.31 3.28
CA SER A 114 -0.77 5.47 2.43
C SER A 114 0.53 5.98 1.85
N PRO A 115 0.47 6.86 0.86
CA PRO A 115 1.71 7.52 0.41
C PRO A 115 2.42 8.26 1.53
N GLN A 116 1.66 8.79 2.50
CA GLN A 116 2.29 9.48 3.63
C GLN A 116 3.14 8.53 4.46
N VAL A 117 2.60 7.38 4.83
CA VAL A 117 3.35 6.44 5.64
C VAL A 117 4.54 5.89 4.85
N ALA A 118 4.38 5.68 3.54
CA ALA A 118 5.49 5.22 2.72
C ALA A 118 6.62 6.23 2.72
N THR A 119 6.30 7.52 2.52
CA THR A 119 7.31 8.55 2.59
C THR A 119 7.97 8.59 3.97
N LEU A 120 7.16 8.49 5.03
CA LEU A 120 7.72 8.51 6.38
C LEU A 120 8.73 7.40 6.58
N ILE A 121 8.37 6.17 6.20
CA ILE A 121 9.24 5.03 6.39
C ILE A 121 10.51 5.18 5.57
N ASP A 122 10.36 5.56 4.30
CA ASP A 122 11.51 5.70 3.43
C ASP A 122 12.49 6.73 3.96
N ARG A 123 11.98 7.88 4.39
CA ARG A 123 12.86 8.93 4.90
C ARG A 123 13.51 8.51 6.22
N PHE A 124 12.76 7.82 7.10
CA PHE A 124 13.35 7.38 8.36
C PHE A 124 14.52 6.43 8.11
N VAL A 125 14.30 5.42 7.27
CA VAL A 125 15.36 4.43 7.03
C VAL A 125 16.55 5.07 6.34
N LYS A 126 16.30 5.95 5.36
CA LYS A 126 17.41 6.62 4.70
C LYS A 126 18.16 7.52 5.68
N GLY A 127 17.44 8.16 6.60
CA GLY A 127 18.10 9.00 7.59
C GLY A 127 19.00 8.19 8.50
N ARG A 128 18.56 6.98 8.88
CA ARG A 128 19.44 6.13 9.67
C ARG A 128 20.62 5.58 8.87
N GLY A 129 20.59 5.70 7.55
CA GLY A 129 21.66 5.18 6.72
C GLY A 129 21.54 3.71 6.39
N GLN A 130 20.65 2.98 7.06
CA GLN A 130 20.49 1.55 6.84
C GLN A 130 19.21 1.09 7.54
N LEU A 131 18.78 -0.11 7.20
CA LEU A 131 17.67 -0.78 7.88
C LEU A 131 18.26 -1.56 9.05
N ASP A 132 18.19 -0.99 10.24
CA ASP A 132 18.77 -1.61 11.43
C ASP A 132 17.75 -2.52 12.12
N LYS A 133 18.23 -3.24 13.13
CA LYS A 133 17.44 -4.31 13.74
C LYS A 133 16.14 -3.78 14.33
N ASP A 134 16.24 -2.76 15.19
CA ASP A 134 15.05 -2.28 15.89
C ASP A 134 14.04 -1.66 14.92
N THR A 135 14.54 -0.92 13.92
CA THR A 135 13.66 -0.36 12.91
C THR A 135 12.89 -1.48 12.19
N LEU A 136 13.58 -2.56 11.84
CA LEU A 136 12.92 -3.66 11.15
C LEU A 136 11.92 -4.34 12.07
N ASP A 137 12.23 -4.47 13.36
CA ASP A 137 11.24 -4.97 14.31
C ASP A 137 9.96 -4.16 14.21
N THR A 138 10.07 -2.84 14.29
CA THR A 138 8.89 -1.98 14.28
C THR A 138 8.13 -2.10 12.95
N LEU A 139 8.85 -1.96 11.83
CA LEU A 139 8.20 -1.98 10.53
C LEU A 139 7.48 -3.30 10.30
N THR A 140 8.12 -4.42 10.64
CA THR A 140 7.46 -5.72 10.48
C THR A 140 6.26 -5.84 11.40
N ALA A 141 6.37 -5.33 12.63
CA ALA A 141 5.25 -5.36 13.56
C ALA A 141 4.03 -4.67 12.96
N PHE A 142 4.24 -3.55 12.25
CA PHE A 142 3.11 -2.85 11.66
C PHE A 142 2.79 -3.28 10.23
N TYR A 143 3.76 -3.83 9.51
CA TYR A 143 3.57 -4.22 8.11
C TYR A 143 4.29 -5.54 7.90
N PRO A 144 3.58 -6.67 8.05
CA PRO A 144 4.27 -7.98 8.07
C PRO A 144 5.05 -8.29 6.82
N GLY A 145 4.65 -7.77 5.66
CA GLY A 145 5.32 -8.09 4.42
C GLY A 145 6.32 -7.04 3.97
N TYR A 146 6.78 -6.20 4.90
CA TYR A 146 7.71 -5.15 4.52
C TYR A 146 9.03 -5.72 4.01
N LEU A 147 9.61 -6.67 4.76
CA LEU A 147 10.93 -7.17 4.40
C LEU A 147 10.94 -7.74 2.99
N CYS A 148 9.98 -8.61 2.67
CA CYS A 148 9.96 -9.21 1.34
C CYS A 148 9.32 -8.31 0.30
N SER A 149 8.94 -7.08 0.66
CA SER A 149 8.58 -6.10 -0.34
C SER A 149 9.82 -5.43 -0.95
N LEU A 150 10.99 -5.67 -0.38
CA LEU A 150 12.23 -5.07 -0.86
C LEU A 150 12.88 -5.96 -1.92
N SER A 151 13.47 -5.31 -2.92
CA SER A 151 14.13 -6.04 -3.98
C SER A 151 15.42 -6.68 -3.47
N PRO A 152 15.97 -7.65 -4.20
CA PRO A 152 17.30 -8.18 -3.83
C PRO A 152 18.35 -7.10 -3.72
N GLU A 153 18.33 -6.11 -4.61
CA GLU A 153 19.31 -5.03 -4.55
C GLU A 153 19.15 -4.23 -3.26
N GLU A 154 17.91 -3.98 -2.84
CA GLU A 154 17.68 -3.29 -1.58
C GLU A 154 18.09 -4.15 -0.39
N LEU A 155 17.78 -5.44 -0.44
CA LEU A 155 18.14 -6.32 0.67
C LEU A 155 19.65 -6.47 0.82
N SER A 156 20.42 -6.30 -0.27
CA SER A 156 21.85 -6.55 -0.19
C SER A 156 22.56 -5.61 0.77
N SER A 157 22.05 -4.39 0.96
CA SER A 157 22.66 -3.43 1.87
C SER A 157 22.13 -3.53 3.30
N VAL A 158 21.31 -4.53 3.60
CA VAL A 158 20.81 -4.72 4.96
C VAL A 158 21.90 -5.37 5.80
N PRO A 159 22.26 -4.82 6.96
CA PRO A 159 23.33 -5.44 7.76
C PRO A 159 22.86 -6.76 8.35
N PRO A 160 23.77 -7.71 8.54
CA PRO A 160 23.37 -9.00 9.14
C PRO A 160 22.79 -8.88 10.53
N SER A 161 23.18 -7.89 11.33
CA SER A 161 22.58 -7.73 12.64
C SER A 161 21.06 -7.65 12.55
N SER A 162 20.56 -7.00 11.50
CA SER A 162 19.12 -6.83 11.34
C SER A 162 18.41 -8.16 11.10
N ILE A 163 19.14 -9.21 10.71
CA ILE A 163 18.52 -10.52 10.55
C ILE A 163 17.91 -10.99 11.86
N TRP A 164 18.40 -10.47 12.99
CA TRP A 164 17.82 -10.87 14.27
C TRP A 164 16.40 -10.35 14.46
N ALA A 165 15.93 -9.46 13.58
CA ALA A 165 14.54 -9.02 13.57
C ALA A 165 13.68 -9.85 12.64
N VAL A 166 14.25 -10.83 11.93
CA VAL A 166 13.52 -11.57 10.90
C VAL A 166 12.95 -12.84 11.52
N ARG A 167 11.66 -12.95 11.47
CA ARG A 167 10.93 -14.11 11.94
C ARG A 167 10.61 -15.04 10.77
N PRO A 168 10.44 -16.34 11.00
CA PRO A 168 10.25 -17.26 9.86
C PRO A 168 9.08 -16.88 8.97
N GLN A 169 7.92 -16.55 9.56
CA GLN A 169 6.77 -16.17 8.76
C GLN A 169 7.01 -14.92 7.92
N ASP A 170 7.98 -14.08 8.30
CA ASP A 170 8.30 -12.90 7.51
C ASP A 170 8.83 -13.27 6.13
N LEU A 171 9.37 -14.48 5.97
CA LEU A 171 9.97 -14.89 4.70
C LEU A 171 9.01 -15.63 3.78
N ASP A 172 7.74 -15.79 4.17
CA ASP A 172 6.81 -16.57 3.35
C ASP A 172 6.67 -15.99 1.94
N THR A 173 6.65 -14.67 1.81
CA THR A 173 6.45 -14.04 0.51
C THR A 173 7.75 -13.76 -0.23
N CYS A 174 8.90 -14.12 0.33
CA CYS A 174 10.16 -13.93 -0.36
C CYS A 174 10.37 -15.04 -1.40
N ASP A 175 11.09 -14.69 -2.46
CA ASP A 175 11.45 -15.61 -3.53
C ASP A 175 12.93 -15.99 -3.45
N PRO A 176 13.37 -16.96 -4.26
CA PRO A 176 14.75 -17.46 -4.12
C PRO A 176 15.83 -16.40 -4.35
N ARG A 177 15.58 -15.35 -5.12
CA ARG A 177 16.60 -14.32 -5.29
C ARG A 177 16.77 -13.52 -4.00
N GLN A 178 15.65 -13.09 -3.41
CA GLN A 178 15.69 -12.43 -2.12
C GLN A 178 16.32 -13.32 -1.07
N LEU A 179 15.96 -14.60 -1.06
CA LEU A 179 16.52 -15.51 -0.06
C LEU A 179 18.00 -15.79 -0.32
N ASP A 180 18.42 -15.77 -1.58
CA ASP A 180 19.85 -15.88 -1.88
C ASP A 180 20.60 -14.69 -1.29
N VAL A 181 19.96 -13.52 -1.27
CA VAL A 181 20.61 -12.37 -0.63
C VAL A 181 20.63 -12.54 0.89
N LEU A 182 19.51 -12.97 1.47
CA LEU A 182 19.39 -12.96 2.93
C LEU A 182 20.10 -14.13 3.61
N TYR A 183 20.19 -15.29 2.97
CA TYR A 183 20.72 -16.47 3.64
C TYR A 183 22.17 -16.30 4.10
N PRO A 184 23.10 -15.77 3.29
CA PRO A 184 24.47 -15.59 3.80
C PRO A 184 24.53 -14.60 4.95
N LYS A 185 23.74 -13.53 4.88
CA LYS A 185 23.64 -12.60 6.00
C LYS A 185 23.17 -13.33 7.26
N ALA A 186 22.24 -14.27 7.10
CA ALA A 186 21.76 -15.02 8.26
C ALA A 186 22.82 -15.97 8.80
N ARG A 187 23.55 -16.64 7.89
CA ARG A 187 24.68 -17.46 8.34
C ARG A 187 25.59 -16.65 9.24
N LEU A 188 25.94 -15.44 8.80
CA LEU A 188 26.83 -14.61 9.61
C LEU A 188 26.17 -14.18 10.91
N ALA A 189 24.91 -13.75 10.85
CA ALA A 189 24.27 -13.16 12.01
C ALA A 189 24.06 -14.18 13.13
N PHE A 190 23.80 -15.43 12.78
CA PHE A 190 23.52 -16.45 13.79
C PHE A 190 24.78 -17.16 14.26
N GLN A 191 25.95 -16.57 14.03
CA GLN A 191 27.21 -17.18 14.44
C GLN A 191 27.13 -17.70 15.87
N ASN A 192 26.59 -16.89 16.78
CA ASN A 192 26.64 -17.19 18.20
C ASN A 192 25.43 -18.00 18.68
N MET A 193 24.60 -18.51 17.78
CA MET A 193 23.50 -19.36 18.21
C MET A 193 23.99 -20.74 18.60
N ASN A 194 23.21 -21.39 19.47
CA ASN A 194 23.46 -22.80 19.75
C ASN A 194 23.10 -23.62 18.52
N GLY A 195 23.77 -24.76 18.37
CA GLY A 195 23.70 -25.49 17.11
C GLY A 195 22.29 -25.91 16.75
N SER A 196 21.55 -26.42 17.73
CA SER A 196 20.18 -26.86 17.49
C SER A 196 19.32 -25.69 17.05
N GLU A 197 19.39 -24.57 17.78
CA GLU A 197 18.61 -23.40 17.42
C GLU A 197 19.01 -22.89 16.05
N TYR A 198 20.31 -22.86 15.75
CA TYR A 198 20.75 -22.45 14.42
C TYR A 198 20.13 -23.32 13.34
N PHE A 199 20.16 -24.65 13.53
CA PHE A 199 19.60 -25.51 12.50
C PHE A 199 18.12 -25.23 12.31
N VAL A 200 17.39 -24.97 13.40
CA VAL A 200 15.97 -24.69 13.27
C VAL A 200 15.74 -23.36 12.55
N LYS A 201 16.41 -22.30 13.01
CA LYS A 201 16.12 -20.94 12.57
C LYS A 201 16.65 -20.62 11.18
N ILE A 202 17.64 -21.38 10.70
CA ILE A 202 18.22 -21.09 9.39
C ILE A 202 17.32 -21.58 8.25
N GLN A 203 16.40 -22.51 8.51
CA GLN A 203 15.71 -23.21 7.44
C GLN A 203 14.87 -22.26 6.59
N SER A 204 14.15 -21.33 7.23
CA SER A 204 13.27 -20.45 6.48
C SER A 204 14.03 -19.58 5.49
N PHE A 205 15.32 -19.33 5.75
CA PHE A 205 16.12 -18.53 4.84
C PHE A 205 16.54 -19.31 3.59
N LEU A 206 16.27 -20.61 3.55
CA LEU A 206 16.57 -21.41 2.37
C LEU A 206 15.37 -21.61 1.47
N GLY A 207 14.15 -21.40 1.97
CA GLY A 207 12.94 -21.52 1.18
C GLY A 207 12.88 -22.80 0.36
N HIS A 208 12.97 -23.94 1.04
CA HIS A 208 13.03 -25.22 0.33
C HIS A 208 11.83 -25.38 -0.59
N HIS A 209 10.65 -24.89 -0.17
CA HIS A 209 9.43 -25.10 -0.92
C HIS A 209 9.51 -24.57 -2.35
N HIS A 210 10.38 -23.60 -2.62
CA HIS A 210 10.50 -23.06 -3.97
C HIS A 210 11.18 -24.03 -4.95
N HIS A 211 11.80 -25.10 -4.46
CA HIS A 211 12.72 -25.89 -5.27
C HIS A 211 12.31 -27.34 -5.47
N HIS A 212 11.23 -27.79 -4.83
CA HIS A 212 10.74 -29.16 -4.99
C HIS A 212 9.23 -29.13 -5.18
N HIS A 213 8.65 -30.31 -5.32
CA HIS A 213 7.21 -30.41 -5.54
C HIS A 213 6.46 -30.66 -4.24
N LYS B 5 22.84 -26.69 -23.73
CA LYS B 5 21.46 -27.14 -23.61
C LYS B 5 20.59 -26.42 -24.66
N THR B 6 20.61 -26.93 -25.89
CA THR B 6 19.92 -26.30 -27.00
C THR B 6 19.11 -27.28 -27.83
N ALA B 7 18.93 -28.51 -27.34
CA ALA B 7 18.19 -29.53 -28.07
C ALA B 7 17.27 -30.27 -27.11
N CYS B 8 16.00 -30.40 -27.47
CA CYS B 8 15.08 -31.16 -26.63
C CYS B 8 15.39 -32.64 -26.75
N PRO B 9 15.50 -33.37 -25.64
CA PRO B 9 15.71 -34.82 -25.74
C PRO B 9 14.61 -35.50 -26.56
N SER B 10 14.98 -36.63 -27.16
CA SER B 10 14.04 -37.37 -28.02
C SER B 10 12.81 -37.79 -27.22
N GLY B 11 11.65 -37.55 -27.80
CA GLY B 11 10.39 -37.92 -27.17
C GLY B 11 9.91 -36.97 -26.09
N LYS B 12 10.66 -35.91 -25.78
CA LYS B 12 10.32 -35.01 -24.70
C LYS B 12 9.70 -33.69 -25.17
N LYS B 13 9.63 -33.47 -26.48
CA LYS B 13 9.05 -32.22 -26.97
C LYS B 13 7.60 -32.13 -26.53
N ALA B 14 7.26 -31.01 -25.88
CA ALA B 14 5.92 -30.84 -25.34
C ALA B 14 4.94 -30.55 -26.47
N ARG B 15 3.90 -31.36 -26.56
CA ARG B 15 2.80 -31.13 -27.49
C ARG B 15 1.54 -30.71 -26.77
N GLU B 16 1.57 -30.68 -25.44
CA GLU B 16 0.47 -30.19 -24.62
C GLU B 16 1.07 -29.71 -23.31
N ILE B 17 0.37 -28.79 -22.64
CA ILE B 17 0.74 -28.34 -21.31
C ILE B 17 -0.01 -29.20 -20.29
N ASP B 18 0.72 -30.06 -19.58
CA ASP B 18 0.11 -30.96 -18.59
C ASP B 18 1.07 -31.17 -17.43
N GLU B 19 0.60 -31.94 -16.43
CA GLU B 19 1.34 -32.04 -15.18
C GLU B 19 2.68 -32.75 -15.35
N SER B 20 2.79 -33.64 -16.33
CA SER B 20 4.03 -34.37 -16.52
C SER B 20 5.22 -33.43 -16.62
N LEU B 21 5.00 -32.23 -17.15
CA LEU B 21 6.09 -31.29 -17.35
C LEU B 21 6.77 -30.88 -16.05
N ILE B 22 6.16 -31.14 -14.88
CA ILE B 22 6.84 -30.78 -13.65
C ILE B 22 8.12 -31.59 -13.49
N PHE B 23 8.21 -32.77 -14.11
CA PHE B 23 9.40 -33.59 -13.98
C PHE B 23 10.52 -33.16 -14.92
N TYR B 24 10.22 -32.31 -15.89
CA TYR B 24 11.25 -31.79 -16.77
C TYR B 24 12.24 -30.94 -15.99
N LYS B 25 13.52 -31.04 -16.34
CA LYS B 25 14.51 -30.13 -15.78
C LYS B 25 14.29 -28.73 -16.33
N LYS B 26 14.89 -27.74 -15.67
CA LYS B 26 14.73 -26.35 -16.10
C LYS B 26 15.12 -26.20 -17.56
N TRP B 27 16.31 -26.65 -17.93
CA TRP B 27 16.76 -26.53 -19.31
C TRP B 27 15.89 -27.36 -20.24
N GLU B 28 15.33 -28.47 -19.75
CA GLU B 28 14.41 -29.24 -20.58
C GLU B 28 13.13 -28.46 -20.87
N LEU B 29 12.60 -27.75 -19.87
CA LEU B 29 11.46 -26.88 -20.15
C LEU B 29 11.83 -25.79 -21.14
N GLU B 30 13.03 -25.21 -21.00
CA GLU B 30 13.45 -24.18 -21.94
C GLU B 30 13.50 -24.72 -23.36
N ALA B 31 14.04 -25.93 -23.54
CA ALA B 31 14.28 -26.47 -24.88
C ALA B 31 13.08 -27.19 -25.48
N CYS B 32 12.10 -27.62 -24.67
CA CYS B 32 11.05 -28.52 -25.15
C CYS B 32 9.67 -27.87 -25.22
N VAL B 33 9.45 -26.73 -24.59
CA VAL B 33 8.14 -26.09 -24.55
C VAL B 33 8.16 -24.86 -25.44
N ASP B 34 7.38 -24.92 -26.53
CA ASP B 34 7.24 -23.75 -27.41
C ASP B 34 6.36 -22.70 -26.75
N ALA B 35 6.74 -21.43 -26.93
CA ALA B 35 6.06 -20.35 -26.24
C ALA B 35 4.61 -20.19 -26.71
N ALA B 36 4.35 -20.40 -28.00
CA ALA B 36 2.99 -20.24 -28.50
C ALA B 36 2.04 -21.29 -27.91
N LEU B 37 2.52 -22.53 -27.78
CA LEU B 37 1.70 -23.56 -27.15
C LEU B 37 1.39 -23.18 -25.71
N LEU B 38 2.39 -22.67 -25.00
CA LEU B 38 2.19 -22.24 -23.61
C LEU B 38 1.14 -21.14 -23.52
N ALA B 39 1.28 -20.10 -24.35
CA ALA B 39 0.33 -19.00 -24.31
C ALA B 39 -1.08 -19.49 -24.62
N THR B 40 -1.22 -20.34 -25.64
CA THR B 40 -2.54 -20.87 -25.99
C THR B 40 -3.13 -21.69 -24.84
N GLN B 41 -2.29 -22.35 -24.04
CA GLN B 41 -2.74 -23.22 -22.97
C GLN B 41 -2.37 -22.67 -21.60
N MET B 42 -2.30 -21.34 -21.49
CA MET B 42 -1.97 -20.72 -20.21
C MET B 42 -2.98 -21.04 -19.12
N ASP B 43 -4.23 -21.33 -19.51
CA ASP B 43 -5.26 -21.63 -18.53
C ASP B 43 -5.01 -22.93 -17.77
N ARG B 44 -4.00 -23.71 -18.17
CA ARG B 44 -3.70 -24.98 -17.50
C ARG B 44 -2.54 -24.88 -16.52
N VAL B 45 -1.81 -23.77 -16.51
CA VAL B 45 -0.55 -23.71 -15.78
C VAL B 45 -0.80 -23.70 -14.26
N ASN B 46 -1.70 -22.84 -13.79
CA ASN B 46 -1.82 -22.62 -12.36
C ASN B 46 -2.25 -23.86 -11.60
N ALA B 47 -2.88 -24.83 -12.27
CA ALA B 47 -3.21 -26.08 -11.61
C ALA B 47 -2.03 -27.03 -11.53
N ILE B 48 -0.90 -26.69 -12.13
CA ILE B 48 0.28 -27.54 -12.22
C ILE B 48 1.32 -27.01 -11.24
N PRO B 49 1.78 -27.81 -10.26
CA PRO B 49 2.69 -27.30 -9.22
C PRO B 49 4.14 -27.18 -9.70
N PHE B 50 4.36 -26.31 -10.69
CA PHE B 50 5.71 -25.99 -11.12
C PHE B 50 6.51 -25.36 -9.97
N THR B 51 7.82 -25.59 -9.99
CA THR B 51 8.71 -24.89 -9.06
C THR B 51 8.89 -23.44 -9.52
N TYR B 52 9.61 -22.67 -8.68
CA TYR B 52 9.87 -21.28 -9.01
C TYR B 52 10.64 -21.15 -10.31
N GLU B 53 11.71 -21.93 -10.47
CA GLU B 53 12.55 -21.79 -11.66
C GLU B 53 11.80 -22.25 -12.91
N GLN B 54 10.98 -23.29 -12.80
CA GLN B 54 10.17 -23.73 -13.94
C GLN B 54 9.21 -22.61 -14.36
N LEU B 55 8.52 -22.02 -13.39
CA LEU B 55 7.61 -20.92 -13.70
C LEU B 55 8.37 -19.74 -14.29
N ASP B 56 9.61 -19.52 -13.87
CA ASP B 56 10.40 -18.43 -14.46
C ASP B 56 10.71 -18.73 -15.92
N VAL B 57 11.03 -19.98 -16.23
CA VAL B 57 11.19 -20.37 -17.64
C VAL B 57 9.95 -20.00 -18.43
N LEU B 58 8.78 -20.37 -17.91
CA LEU B 58 7.53 -20.10 -18.64
C LEU B 58 7.30 -18.60 -18.81
N LYS B 59 7.54 -17.82 -17.75
CA LYS B 59 7.35 -16.38 -17.83
C LYS B 59 8.28 -15.77 -18.88
N HIS B 60 9.53 -16.23 -18.93
CA HIS B 60 10.46 -15.74 -19.93
C HIS B 60 9.99 -16.09 -21.33
N LYS B 61 9.41 -17.28 -21.49
CA LYS B 61 8.88 -17.64 -22.80
C LYS B 61 7.77 -16.70 -23.23
N LEU B 62 6.87 -16.35 -22.31
CA LEU B 62 5.83 -15.38 -22.65
C LEU B 62 6.43 -14.03 -23.02
N ASP B 63 7.43 -13.57 -22.26
CA ASP B 63 8.12 -12.33 -22.61
C ASP B 63 8.68 -12.40 -24.02
N GLU B 64 9.34 -13.50 -24.37
CA GLU B 64 9.90 -13.63 -25.71
C GLU B 64 8.81 -13.59 -26.76
N LEU B 65 7.69 -14.27 -26.51
CA LEU B 65 6.63 -14.32 -27.51
C LEU B 65 5.92 -12.97 -27.65
N TYR B 66 5.90 -12.16 -26.59
CA TYR B 66 5.15 -10.91 -26.56
C TYR B 66 6.06 -9.77 -26.09
N PRO B 67 7.06 -9.40 -26.88
CA PRO B 67 7.91 -8.27 -26.48
C PRO B 67 7.15 -6.96 -26.37
N GLN B 68 6.05 -6.78 -27.10
CA GLN B 68 5.25 -5.56 -27.05
C GLN B 68 4.13 -5.64 -26.01
N GLY B 69 4.08 -6.70 -25.21
CA GLY B 69 3.11 -6.82 -24.13
C GLY B 69 2.15 -7.99 -24.29
N TYR B 70 1.82 -8.64 -23.17
CA TYR B 70 0.88 -9.74 -23.21
C TYR B 70 -0.48 -9.26 -23.69
N PRO B 71 -1.20 -10.04 -24.48
CA PRO B 71 -2.61 -9.75 -24.73
C PRO B 71 -3.47 -10.21 -23.55
N GLU B 72 -4.65 -9.59 -23.44
CA GLU B 72 -5.51 -9.91 -22.31
C GLU B 72 -5.93 -11.37 -22.31
N SER B 73 -6.02 -11.99 -23.50
CA SER B 73 -6.40 -13.39 -23.59
C SER B 73 -5.46 -14.29 -22.79
N VAL B 74 -4.20 -13.88 -22.61
CA VAL B 74 -3.28 -14.60 -21.74
C VAL B 74 -3.22 -13.98 -20.35
N ILE B 75 -3.30 -12.65 -20.25
CA ILE B 75 -3.22 -11.99 -18.95
C ILE B 75 -4.24 -12.58 -17.99
N GLN B 76 -5.46 -12.81 -18.48
CA GLN B 76 -6.52 -13.31 -17.62
C GLN B 76 -6.20 -14.66 -16.99
N HIS B 77 -5.21 -15.39 -17.52
CA HIS B 77 -4.87 -16.72 -17.03
C HIS B 77 -3.54 -16.76 -16.30
N LEU B 78 -2.87 -15.61 -16.14
CA LEU B 78 -1.53 -15.60 -15.54
C LEU B 78 -1.54 -16.19 -14.14
N GLY B 79 -2.59 -15.92 -13.37
CA GLY B 79 -2.62 -16.37 -11.99
C GLY B 79 -1.45 -15.81 -11.21
N TYR B 80 -0.81 -16.66 -10.41
CA TYR B 80 0.27 -16.21 -9.55
C TYR B 80 1.49 -15.75 -10.32
N LEU B 81 1.59 -16.06 -11.62
CA LEU B 81 2.65 -15.49 -12.44
C LEU B 81 2.59 -13.97 -12.46
N PHE B 82 1.43 -13.39 -12.15
CA PHE B 82 1.35 -11.93 -12.03
C PHE B 82 2.36 -11.40 -11.04
N LEU B 83 2.67 -12.17 -9.98
CA LEU B 83 3.62 -11.73 -8.98
C LEU B 83 5.04 -11.65 -9.51
N LYS B 84 5.32 -12.21 -10.68
CA LYS B 84 6.63 -12.11 -11.31
C LYS B 84 6.74 -10.96 -12.29
N MET B 85 5.66 -10.21 -12.52
CA MET B 85 5.66 -9.15 -13.50
C MET B 85 6.35 -7.90 -12.94
N SER B 86 7.00 -7.15 -13.83
CA SER B 86 7.51 -5.84 -13.47
C SER B 86 6.49 -4.76 -13.78
N PRO B 87 6.65 -3.57 -13.19
CA PRO B 87 5.77 -2.46 -13.60
C PRO B 87 5.87 -2.14 -15.09
N GLU B 88 7.07 -2.28 -15.66
CA GLU B 88 7.23 -2.05 -17.09
C GLU B 88 6.44 -3.05 -17.92
N ASP B 89 6.48 -4.33 -17.53
CA ASP B 89 5.69 -5.33 -18.25
C ASP B 89 4.22 -5.00 -18.23
N ILE B 90 3.73 -4.49 -17.09
CA ILE B 90 2.30 -4.24 -16.92
C ILE B 90 1.90 -2.95 -17.61
N ARG B 91 2.81 -1.98 -17.71
CA ARG B 91 2.51 -0.72 -18.39
C ARG B 91 2.16 -0.94 -19.86
N LYS B 92 2.62 -2.03 -20.45
CA LYS B 92 2.27 -2.33 -21.83
C LYS B 92 0.89 -2.97 -21.94
N TRP B 93 0.33 -3.46 -20.83
CA TRP B 93 -0.92 -4.20 -20.88
C TRP B 93 -2.09 -3.28 -21.20
N ASN B 94 -3.03 -3.80 -21.97
CA ASN B 94 -4.35 -3.19 -22.15
C ASN B 94 -5.38 -4.17 -21.61
N VAL B 95 -5.93 -3.86 -20.43
CA VAL B 95 -6.87 -4.73 -19.73
C VAL B 95 -8.24 -4.07 -19.77
N THR B 96 -9.20 -4.72 -20.41
CA THR B 96 -10.51 -4.15 -20.67
C THR B 96 -11.63 -4.81 -19.86
N SER B 97 -11.46 -6.06 -19.47
CA SER B 97 -12.49 -6.78 -18.74
C SER B 97 -12.28 -6.67 -17.24
N LEU B 98 -13.39 -6.51 -16.51
CA LEU B 98 -13.33 -6.48 -15.06
C LEU B 98 -13.07 -7.86 -14.47
N GLU B 99 -13.42 -8.93 -15.20
CA GLU B 99 -13.09 -10.27 -14.72
C GLU B 99 -11.59 -10.49 -14.67
N THR B 100 -10.87 -9.98 -15.67
CA THR B 100 -9.42 -10.05 -15.66
C THR B 100 -8.86 -9.30 -14.45
N LEU B 101 -9.37 -8.10 -14.19
CA LEU B 101 -8.93 -7.34 -13.04
C LEU B 101 -9.18 -8.10 -11.74
N LYS B 102 -10.37 -8.69 -11.62
CA LYS B 102 -10.69 -9.43 -10.40
C LYS B 102 -9.76 -10.62 -10.21
N ALA B 103 -9.47 -11.36 -11.29
CA ALA B 103 -8.53 -12.48 -11.18
C ALA B 103 -7.17 -12.01 -10.70
N LEU B 104 -6.67 -10.93 -11.29
CA LEU B 104 -5.34 -10.44 -10.92
C LEU B 104 -5.33 -9.95 -9.48
N LEU B 105 -6.36 -9.22 -9.06
CA LEU B 105 -6.42 -8.74 -7.69
C LEU B 105 -6.55 -9.90 -6.71
N GLU B 106 -7.23 -10.97 -7.14
CA GLU B 106 -7.35 -12.13 -6.26
C GLU B 106 -5.99 -12.77 -6.02
N VAL B 107 -5.15 -12.83 -7.06
CA VAL B 107 -3.84 -13.43 -6.84
C VAL B 107 -2.93 -12.49 -6.06
N ASN B 108 -3.07 -11.18 -6.26
CA ASN B 108 -2.23 -10.24 -5.53
C ASN B 108 -2.77 -9.94 -4.12
N LYS B 109 -3.89 -10.56 -3.73
CA LYS B 109 -4.45 -10.31 -2.41
C LYS B 109 -3.54 -10.82 -1.31
N GLY B 110 -2.71 -11.82 -1.59
CA GLY B 110 -1.75 -12.28 -0.59
C GLY B 110 -0.69 -11.24 -0.29
N HIS B 111 -0.21 -10.55 -1.31
CA HIS B 111 0.73 -9.45 -1.13
C HIS B 111 -0.03 -8.16 -0.84
N GLU B 112 0.71 -7.14 -0.39
CA GLU B 112 0.15 -5.80 -0.26
C GLU B 112 -0.04 -5.20 -1.65
N MET B 113 -0.44 -3.93 -1.71
CA MET B 113 -0.49 -3.24 -2.99
C MET B 113 0.92 -2.80 -3.36
N SER B 114 1.39 -3.31 -4.48
CA SER B 114 2.70 -3.05 -5.05
C SER B 114 2.59 -2.01 -6.16
N PRO B 115 3.71 -1.49 -6.64
CA PRO B 115 3.65 -0.64 -7.84
C PRO B 115 3.02 -1.34 -9.03
N GLN B 116 3.14 -2.67 -9.09
CA GLN B 116 2.53 -3.41 -10.18
C GLN B 116 1.02 -3.27 -10.16
N VAL B 117 0.40 -3.50 -8.99
CA VAL B 117 -1.05 -3.39 -8.89
C VAL B 117 -1.50 -1.94 -9.04
N ALA B 118 -0.70 -0.99 -8.55
CA ALA B 118 -1.05 0.41 -8.73
C ALA B 118 -1.09 0.77 -10.21
N THR B 119 -0.06 0.37 -10.96
CA THR B 119 -0.06 0.60 -12.40
C THR B 119 -1.26 -0.08 -13.06
N LEU B 120 -1.52 -1.34 -12.68
CA LEU B 120 -2.65 -2.07 -13.26
C LEU B 120 -3.96 -1.32 -13.05
N ILE B 121 -4.22 -0.89 -11.81
CA ILE B 121 -5.47 -0.22 -11.49
C ILE B 121 -5.58 1.11 -12.23
N ASP B 122 -4.49 1.90 -12.19
CA ASP B 122 -4.53 3.21 -12.82
C ASP B 122 -4.79 3.09 -14.32
N ARG B 123 -4.10 2.15 -14.98
CA ARG B 123 -4.30 1.97 -16.41
C ARG B 123 -5.70 1.42 -16.72
N PHE B 124 -6.20 0.51 -15.88
CA PHE B 124 -7.54 -0.01 -16.10
C PHE B 124 -8.57 1.11 -16.04
N VAL B 125 -8.49 1.94 -15.01
CA VAL B 125 -9.47 3.01 -14.85
C VAL B 125 -9.34 4.02 -15.98
N LYS B 126 -8.12 4.35 -16.38
CA LYS B 126 -7.96 5.27 -17.51
C LYS B 126 -8.53 4.67 -18.78
N GLY B 127 -8.36 3.36 -18.98
CA GLY B 127 -8.92 2.72 -20.15
C GLY B 127 -10.43 2.76 -20.15
N ARG B 128 -11.05 2.62 -18.98
CA ARG B 128 -12.50 2.70 -18.89
C ARG B 128 -13.01 4.11 -19.15
N GLY B 129 -12.13 5.12 -19.08
CA GLY B 129 -12.52 6.50 -19.27
C GLY B 129 -13.13 7.17 -18.06
N GLN B 130 -13.50 6.40 -17.03
CA GLN B 130 -14.11 6.93 -15.83
C GLN B 130 -14.09 5.82 -14.79
N LEU B 131 -14.37 6.19 -13.55
CA LEU B 131 -14.53 5.21 -12.47
C LEU B 131 -16.01 4.82 -12.42
N ASP B 132 -16.36 3.69 -13.03
CA ASP B 132 -17.75 3.27 -13.10
C ASP B 132 -18.11 2.39 -11.91
N LYS B 133 -19.41 2.09 -11.81
CA LYS B 133 -19.94 1.46 -10.59
C LYS B 133 -19.29 0.11 -10.32
N ASP B 134 -19.26 -0.77 -11.32
CA ASP B 134 -18.73 -2.12 -11.10
C ASP B 134 -17.24 -2.10 -10.79
N THR B 135 -16.48 -1.23 -11.48
CA THR B 135 -15.08 -1.09 -11.16
C THR B 135 -14.88 -0.67 -9.71
N LEU B 136 -15.67 0.29 -9.24
CA LEU B 136 -15.52 0.74 -7.87
C LEU B 136 -15.93 -0.36 -6.89
N ASP B 137 -16.97 -1.13 -7.22
CA ASP B 137 -17.31 -2.28 -6.39
C ASP B 137 -16.11 -3.19 -6.20
N THR B 138 -15.47 -3.57 -7.30
CA THR B 138 -14.33 -4.48 -7.22
C THR B 138 -13.18 -3.86 -6.42
N LEU B 139 -12.81 -2.62 -6.77
CA LEU B 139 -11.68 -1.98 -6.11
C LEU B 139 -11.91 -1.83 -4.62
N THR B 140 -13.10 -1.38 -4.23
CA THR B 140 -13.40 -1.25 -2.81
C THR B 140 -13.39 -2.61 -2.13
N ALA B 141 -13.90 -3.64 -2.81
CA ALA B 141 -13.87 -4.97 -2.23
C ALA B 141 -12.44 -5.39 -1.90
N PHE B 142 -11.48 -5.03 -2.75
CA PHE B 142 -10.10 -5.39 -2.48
C PHE B 142 -9.34 -4.30 -1.72
N TYR B 143 -9.79 -3.06 -1.80
CA TYR B 143 -9.11 -1.93 -1.15
C TYR B 143 -10.16 -1.02 -0.54
N PRO B 144 -10.49 -1.25 0.74
CA PRO B 144 -11.65 -0.53 1.32
C PRO B 144 -11.48 0.98 1.32
N GLY B 145 -10.25 1.48 1.36
CA GLY B 145 -10.02 2.91 1.38
C GLY B 145 -9.68 3.50 0.04
N TYR B 146 -10.03 2.82 -1.06
CA TYR B 146 -9.68 3.31 -2.37
C TYR B 146 -10.37 4.64 -2.68
N LEU B 147 -11.68 4.70 -2.47
CA LEU B 147 -12.44 5.88 -2.88
C LEU B 147 -11.88 7.15 -2.22
N CYS B 148 -11.66 7.10 -0.90
CA CYS B 148 -11.16 8.26 -0.19
C CYS B 148 -9.66 8.44 -0.32
N SER B 149 -8.98 7.61 -1.11
CA SER B 149 -7.61 7.89 -1.48
C SER B 149 -7.51 8.87 -2.64
N LEU B 150 -8.63 9.18 -3.29
CA LEU B 150 -8.67 10.07 -4.43
C LEU B 150 -8.88 11.51 -3.96
N SER B 151 -8.24 12.44 -4.65
CA SER B 151 -8.37 13.85 -4.32
C SER B 151 -9.77 14.34 -4.69
N PRO B 152 -10.19 15.48 -4.13
CA PRO B 152 -11.45 16.09 -4.59
C PRO B 152 -11.51 16.28 -6.09
N GLU B 153 -10.39 16.70 -6.69
CA GLU B 153 -10.37 16.89 -8.13
C GLU B 153 -10.59 15.58 -8.88
N GLU B 154 -9.99 14.49 -8.40
CA GLU B 154 -10.22 13.20 -9.03
C GLU B 154 -11.65 12.74 -8.80
N LEU B 155 -12.17 12.95 -7.59
CA LEU B 155 -13.54 12.55 -7.29
C LEU B 155 -14.55 13.32 -8.12
N SER B 156 -14.19 14.54 -8.56
CA SER B 156 -15.15 15.39 -9.25
C SER B 156 -15.62 14.77 -10.55
N SER B 157 -14.78 13.94 -11.18
CA SER B 157 -15.13 13.28 -12.43
C SER B 157 -15.81 11.94 -12.22
N VAL B 158 -16.14 11.58 -10.98
CA VAL B 158 -16.83 10.32 -10.72
C VAL B 158 -18.32 10.50 -11.05
N PRO B 159 -18.90 9.66 -11.91
CA PRO B 159 -20.32 9.84 -12.25
C PRO B 159 -21.21 9.44 -11.07
N PRO B 160 -22.40 10.03 -10.98
CA PRO B 160 -23.30 9.68 -9.85
C PRO B 160 -23.69 8.21 -9.81
N SER B 161 -23.80 7.54 -10.94
CA SER B 161 -24.14 6.11 -10.92
C SER B 161 -23.19 5.32 -10.03
N SER B 162 -21.90 5.68 -10.05
CA SER B 162 -20.91 4.97 -9.25
C SER B 162 -21.15 5.12 -7.75
N ILE B 163 -21.95 6.11 -7.34
CA ILE B 163 -22.26 6.27 -5.92
C ILE B 163 -22.93 5.03 -5.39
N TRP B 164 -23.57 4.24 -6.25
CA TRP B 164 -24.23 3.03 -5.75
C TRP B 164 -23.24 1.96 -5.30
N ALA B 165 -21.96 2.13 -5.58
CA ALA B 165 -20.93 1.22 -5.09
C ALA B 165 -20.35 1.65 -3.75
N VAL B 166 -20.81 2.77 -3.20
CA VAL B 166 -20.22 3.35 -2.00
C VAL B 166 -21.05 2.92 -0.80
N ARG B 167 -20.40 2.22 0.13
CA ARG B 167 -21.02 1.89 1.42
C ARG B 167 -20.60 2.91 2.47
N PRO B 168 -21.39 3.13 3.52
CA PRO B 168 -21.06 4.20 4.46
C PRO B 168 -19.66 4.09 5.05
N GLN B 169 -19.24 2.89 5.44
CA GLN B 169 -17.90 2.72 6.00
C GLN B 169 -16.81 3.10 5.01
N ASP B 170 -17.09 3.06 3.70
CA ASP B 170 -16.10 3.48 2.74
C ASP B 170 -15.74 4.96 2.89
N LEU B 171 -16.63 5.76 3.47
CA LEU B 171 -16.42 7.19 3.60
C LEU B 171 -15.77 7.59 4.93
N ASP B 172 -15.43 6.62 5.78
CA ASP B 172 -14.88 6.95 7.10
C ASP B 172 -13.61 7.78 6.99
N THR B 173 -12.75 7.48 6.02
CA THR B 173 -11.48 8.16 5.88
C THR B 173 -11.54 9.39 4.97
N CYS B 174 -12.71 9.76 4.47
CA CYS B 174 -12.85 10.96 3.66
C CYS B 174 -12.90 12.22 4.53
N ASP B 175 -12.43 13.32 3.98
CA ASP B 175 -12.49 14.62 4.66
C ASP B 175 -13.60 15.47 4.05
N PRO B 176 -13.92 16.61 4.66
CA PRO B 176 -15.08 17.39 4.18
C PRO B 176 -14.97 17.89 2.75
N ARG B 177 -13.77 18.06 2.19
CA ARG B 177 -13.67 18.48 0.80
C ARG B 177 -14.09 17.35 -0.15
N GLN B 178 -13.58 16.15 0.08
CA GLN B 178 -14.00 15.00 -0.70
C GLN B 178 -15.51 14.80 -0.57
N LEU B 179 -16.06 14.95 0.63
CA LEU B 179 -17.49 14.76 0.81
C LEU B 179 -18.29 15.89 0.18
N ASP B 180 -17.74 17.11 0.13
CA ASP B 180 -18.41 18.18 -0.60
C ASP B 180 -18.52 17.82 -2.07
N VAL B 181 -17.52 17.11 -2.60
CA VAL B 181 -17.64 16.65 -3.98
C VAL B 181 -18.67 15.55 -4.10
N LEU B 182 -18.68 14.59 -3.17
CA LEU B 182 -19.48 13.39 -3.33
C LEU B 182 -20.95 13.58 -2.97
N TYR B 183 -21.28 14.47 -2.05
CA TYR B 183 -22.65 14.58 -1.56
C TYR B 183 -23.64 14.97 -2.66
N PRO B 184 -23.36 15.96 -3.52
CA PRO B 184 -24.33 16.28 -4.59
C PRO B 184 -24.53 15.12 -5.55
N LYS B 185 -23.45 14.40 -5.86
CA LYS B 185 -23.55 13.19 -6.67
C LYS B 185 -24.47 12.18 -6.02
N ALA B 186 -24.43 12.07 -4.69
CA ALA B 186 -25.29 11.12 -4.00
C ALA B 186 -26.75 11.60 -4.03
N ARG B 187 -26.97 12.90 -3.86
CA ARG B 187 -28.33 13.43 -4.01
C ARG B 187 -28.90 13.00 -5.35
N LEU B 188 -28.13 13.15 -6.41
CA LEU B 188 -28.62 12.76 -7.73
C LEU B 188 -28.81 11.26 -7.84
N ALA B 189 -27.85 10.48 -7.34
CA ALA B 189 -27.85 9.03 -7.53
C ALA B 189 -29.02 8.36 -6.80
N PHE B 190 -29.41 8.88 -5.64
CA PHE B 190 -30.44 8.29 -4.80
C PHE B 190 -31.83 8.84 -5.10
N GLN B 191 -32.01 9.50 -6.25
CA GLN B 191 -33.28 10.09 -6.64
C GLN B 191 -34.46 9.14 -6.44
N ASN B 192 -34.31 7.90 -6.88
CA ASN B 192 -35.42 6.96 -6.95
C ASN B 192 -35.67 6.21 -5.65
N MET B 193 -35.08 6.67 -4.55
CA MET B 193 -35.37 6.14 -3.22
C MET B 193 -36.63 6.79 -2.64
N ASN B 194 -37.30 6.06 -1.76
CA ASN B 194 -38.28 6.62 -0.85
C ASN B 194 -37.57 7.27 0.35
N GLY B 195 -38.32 8.12 1.06
CA GLY B 195 -37.70 8.98 2.07
C GLY B 195 -36.93 8.24 3.15
N SER B 196 -37.47 7.13 3.66
CA SER B 196 -36.79 6.42 4.74
C SER B 196 -35.41 5.94 4.31
N GLU B 197 -35.34 5.25 3.16
CA GLU B 197 -34.07 4.75 2.67
C GLU B 197 -33.12 5.89 2.35
N TYR B 198 -33.63 6.94 1.69
CA TYR B 198 -32.79 8.10 1.38
C TYR B 198 -32.20 8.69 2.65
N PHE B 199 -33.03 8.85 3.68
CA PHE B 199 -32.56 9.43 4.94
C PHE B 199 -31.45 8.59 5.55
N VAL B 200 -31.59 7.26 5.51
CA VAL B 200 -30.54 6.43 6.09
C VAL B 200 -29.25 6.52 5.27
N LYS B 201 -29.35 6.33 3.95
CA LYS B 201 -28.16 6.17 3.13
C LYS B 201 -27.45 7.48 2.80
N ILE B 202 -28.12 8.62 2.92
CA ILE B 202 -27.45 9.87 2.55
C ILE B 202 -26.49 10.37 3.62
N GLN B 203 -26.63 9.93 4.87
CA GLN B 203 -25.96 10.61 5.99
C GLN B 203 -24.44 10.54 5.87
N SER B 204 -23.89 9.39 5.48
CA SER B 204 -22.44 9.26 5.46
C SER B 204 -21.78 10.23 4.50
N PHE B 205 -22.50 10.71 3.48
CA PHE B 205 -21.93 11.66 2.54
C PHE B 205 -21.81 13.07 3.12
N LEU B 206 -22.36 13.30 4.30
CA LEU B 206 -22.25 14.59 4.97
C LEU B 206 -21.16 14.62 6.02
N GLY B 207 -20.70 13.45 6.50
CA GLY B 207 -19.64 13.39 7.49
C GLY B 207 -19.86 14.33 8.66
N HIS B 208 -20.99 14.17 9.36
CA HIS B 208 -21.34 15.10 10.45
C HIS B 208 -20.24 15.18 11.49
N HIS B 209 -19.56 14.07 11.78
CA HIS B 209 -18.55 14.05 12.84
C HIS B 209 -17.46 15.08 12.63
N HIS B 210 -17.24 15.54 11.39
CA HIS B 210 -16.19 16.51 11.11
C HIS B 210 -16.50 17.90 11.64
N HIS B 211 -17.75 18.18 12.02
CA HIS B 211 -18.20 19.55 12.22
C HIS B 211 -18.62 19.85 13.65
N HIS B 212 -18.58 18.87 14.55
CA HIS B 212 -18.87 19.09 15.96
C HIS B 212 -17.83 18.36 16.79
N HIS B 213 -17.96 18.47 18.11
CA HIS B 213 -16.97 17.92 19.04
C HIS B 213 -17.35 16.52 19.54
#